data_5AUT
#
_entry.id   5AUT
#
_cell.length_a   46.774
_cell.length_b   62.260
_cell.length_c   88.600
_cell.angle_alpha   90.00
_cell.angle_beta   90.00
_cell.angle_gamma   90.00
#
_symmetry.space_group_name_H-M   'P 21 21 21'
#
loop_
_entity.id
_entity.type
_entity.pdbx_description
1 polymer 'Death-associated protein kinase 1'
2 non-polymer '8-ANILINO-1-NAPHTHALENE SULFONATE'
3 water water
#
_entity_poly.entity_id   1
_entity_poly.type   'polypeptide(L)'
_entity_poly.pdbx_seq_one_letter_code
;MTVFRQENVDDYYDTGEELGSGQFAVVKKCREKSTGLQYAAKFIKKRRTKSSRRGVSREDIEREVSILKEIQHPNVITLH
EVYENKTDVILILELVAGGELFDFLAEKESLTEEEATEFLKQILNGVYYLHSLQIAHFDLKPENIMLLDRNVPKPRIKII
DFGLAHKIDFGNEFKNIFGTPEFVAPEIVNYEPLGLEADMWSIGVITYILLSGASPFLGDTKQETLANVSAVNYEFEDEY
FSNTSALAKDFIRRLLVKDPKKRMTIQDSLQHPWIKPKDTQQALSLEHHHHHH
;
_entity_poly.pdbx_strand_id   A
#
# COMPACT_ATOMS: atom_id res chain seq x y z
N THR A 2 -17.35 16.21 6.24
CA THR A 2 -17.60 16.63 4.87
C THR A 2 -18.67 15.74 4.23
N VAL A 3 -19.62 16.35 3.54
CA VAL A 3 -20.68 15.56 2.90
C VAL A 3 -20.35 15.36 1.44
N PHE A 4 -20.87 14.27 0.86
CA PHE A 4 -20.52 13.91 -0.50
C PHE A 4 -21.77 13.95 -1.38
N ARG A 5 -21.58 13.75 -2.69
CA ARG A 5 -22.69 13.82 -3.64
C ARG A 5 -23.75 12.77 -3.35
N GLN A 6 -24.99 13.19 -3.15
CA GLN A 6 -26.01 12.23 -2.76
C GLN A 6 -26.98 11.83 -3.87
N GLU A 7 -26.65 12.20 -5.11
CA GLU A 7 -27.34 11.64 -6.26
C GLU A 7 -26.99 10.17 -6.43
N ASN A 8 -27.90 9.41 -7.02
CA ASN A 8 -27.65 7.99 -7.27
C ASN A 8 -26.47 7.85 -8.21
N VAL A 9 -25.46 7.09 -7.78
CA VAL A 9 -24.26 6.95 -8.59
C VAL A 9 -24.62 6.25 -9.91
N ASP A 10 -25.67 5.44 -9.87
CA ASP A 10 -26.14 4.73 -11.06
C ASP A 10 -26.68 5.65 -12.15
N ASP A 11 -27.00 6.90 -11.81
CA ASP A 11 -27.47 7.86 -12.82
C ASP A 11 -26.30 8.38 -13.66
N TYR A 12 -25.08 8.20 -13.15
CA TYR A 12 -23.91 8.81 -13.78
C TYR A 12 -22.87 7.78 -14.21
N TYR A 13 -22.93 6.57 -13.65
CA TYR A 13 -21.96 5.52 -13.94
C TYR A 13 -22.63 4.16 -14.18
N ASP A 14 -22.03 3.36 -15.06
CA ASP A 14 -22.40 1.95 -15.16
C ASP A 14 -21.25 1.11 -14.63
N THR A 15 -21.57 0.11 -13.82
CA THR A 15 -20.53 -0.74 -13.25
C THR A 15 -20.37 -2.02 -14.07
N GLY A 16 -19.21 -2.64 -13.94
CA GLY A 16 -18.93 -3.89 -14.62
C GLY A 16 -18.20 -4.88 -13.75
N GLU A 17 -17.07 -5.35 -14.26
CA GLU A 17 -16.25 -6.37 -13.62
C GLU A 17 -15.82 -5.97 -12.21
N GLU A 18 -15.87 -6.92 -11.29
CA GLU A 18 -15.34 -6.68 -9.95
C GLU A 18 -13.83 -6.76 -9.96
N LEU A 19 -13.18 -5.80 -9.33
CA LEU A 19 -11.72 -5.73 -9.34
C LEU A 19 -11.10 -6.12 -8.00
N GLY A 20 -11.88 -6.03 -6.92
CA GLY A 20 -11.34 -6.34 -5.62
C GLY A 20 -12.40 -6.34 -4.55
N SER A 21 -12.12 -7.03 -3.45
CA SER A 21 -13.12 -7.22 -2.42
C SER A 21 -12.43 -7.30 -1.07
N GLY A 22 -12.94 -6.56 -0.09
CA GLY A 22 -12.34 -6.55 1.23
C GLY A 22 -13.38 -6.72 2.32
N GLN A 23 -12.97 -6.53 3.57
CA GLN A 23 -13.89 -6.74 4.69
C GLN A 23 -15.13 -5.84 4.66
N PHE A 24 -14.95 -4.55 4.36
CA PHE A 24 -16.09 -3.64 4.33
C PHE A 24 -16.20 -2.83 3.04
N ALA A 25 -15.58 -3.33 1.98
CA ALA A 25 -15.63 -2.63 0.70
C ALA A 25 -15.47 -3.57 -0.47
N VAL A 26 -15.94 -3.12 -1.64
CA VAL A 26 -15.79 -3.86 -2.88
C VAL A 26 -15.52 -2.84 -3.97
N VAL A 27 -14.65 -3.19 -4.93
CA VAL A 27 -14.31 -2.29 -6.03
C VAL A 27 -14.80 -2.90 -7.35
N LYS A 28 -15.57 -2.09 -8.08
CA LYS A 28 -16.15 -2.47 -9.38
C LYS A 28 -15.57 -1.58 -10.45
N LYS A 29 -15.17 -2.17 -11.57
CA LYS A 29 -14.87 -1.37 -12.76
C LYS A 29 -16.12 -0.57 -13.13
N CYS A 30 -15.96 0.65 -13.58
CA CYS A 30 -17.13 1.42 -14.00
C CYS A 30 -16.82 2.35 -15.15
N ARG A 31 -17.89 2.89 -15.75
CA ARG A 31 -17.76 3.81 -16.88
C ARG A 31 -18.67 5.00 -16.66
N GLU A 32 -18.10 6.21 -16.72
CA GLU A 32 -18.90 7.42 -16.58
C GLU A 32 -19.70 7.65 -17.85
N LYS A 33 -20.99 7.90 -17.70
CA LYS A 33 -21.89 8.03 -18.85
C LYS A 33 -21.56 9.25 -19.70
N SER A 34 -21.16 10.35 -19.08
CA SER A 34 -20.99 11.61 -19.78
C SER A 34 -19.71 11.69 -20.60
N THR A 35 -18.74 10.83 -20.31
CA THR A 35 -17.43 10.90 -20.96
C THR A 35 -16.94 9.60 -21.59
N GLY A 36 -17.58 8.49 -21.23
CA GLY A 36 -17.13 7.17 -21.62
C GLY A 36 -15.84 6.76 -20.95
N LEU A 37 -15.35 7.60 -20.03
CA LEU A 37 -14.10 7.31 -19.34
C LEU A 37 -14.33 6.29 -18.24
N GLN A 38 -13.29 5.50 -17.98
CA GLN A 38 -13.42 4.37 -17.07
C GLN A 38 -12.67 4.59 -15.77
N TYR A 39 -13.25 4.05 -14.70
CA TYR A 39 -12.78 4.26 -13.34
C TYR A 39 -12.96 3.01 -12.51
N ALA A 40 -12.56 3.09 -11.25
CA ALA A 40 -12.78 2.00 -10.30
C ALA A 40 -13.65 2.58 -9.20
N ALA A 41 -14.85 2.03 -9.04
CA ALA A 41 -15.76 2.50 -8.00
C ALA A 41 -15.62 1.64 -6.73
N LYS A 42 -15.22 2.26 -5.63
CA LYS A 42 -15.08 1.55 -4.36
C LYS A 42 -16.29 1.82 -3.49
N PHE A 43 -17.06 0.77 -3.18
CA PHE A 43 -18.23 0.93 -2.33
C PHE A 43 -17.84 0.57 -0.90
N ILE A 44 -17.83 1.56 -0.03
CA ILE A 44 -17.45 1.38 1.37
C ILE A 44 -18.70 1.36 2.24
N LYS A 45 -18.90 0.27 2.96
CA LYS A 45 -20.05 0.15 3.85
C LYS A 45 -19.89 1.05 5.08
N LYS A 46 -20.90 1.91 5.31
CA LYS A 46 -20.91 2.79 6.48
C LYS A 46 -21.31 2.04 7.74
N ARG A 47 -20.83 2.53 8.87
CA ARG A 47 -21.33 2.15 10.19
C ARG A 47 -22.78 2.58 10.34
N ARG A 48 -23.61 1.70 10.86
CA ARG A 48 -25.03 2.00 11.05
C ARG A 48 -25.32 2.56 12.43
N THR A 49 -24.40 2.32 13.37
CA THR A 49 -24.50 2.91 14.71
C THR A 49 -23.12 3.31 15.19
N LYS A 50 -23.09 4.18 16.19
CA LYS A 50 -21.86 4.76 16.68
C LYS A 50 -20.91 3.73 17.30
N SER A 51 -21.49 2.70 17.90
CA SER A 51 -20.71 1.74 18.68
C SER A 51 -20.55 0.39 17.98
N SER A 52 -21.00 0.29 16.74
CA SER A 52 -20.84 -0.95 16.00
C SER A 52 -19.42 -1.13 15.50
N ARG A 53 -19.08 -2.37 15.15
CA ARG A 53 -17.76 -2.69 14.62
C ARG A 53 -17.86 -3.20 13.18
N ARG A 54 -19.10 -3.27 12.68
CA ARG A 54 -19.34 -3.52 11.26
C ARG A 54 -19.33 -2.20 10.50
N GLY A 55 -18.90 -2.23 9.26
CA GLY A 55 -18.80 -1.01 8.46
C GLY A 55 -17.60 -0.17 8.88
N VAL A 56 -17.38 0.92 8.16
CA VAL A 56 -16.25 1.78 8.44
C VAL A 56 -16.76 3.09 9.05
N SER A 57 -16.12 3.53 10.12
CA SER A 57 -16.50 4.77 10.79
C SER A 57 -16.40 5.93 9.83
N ARG A 58 -17.26 6.93 9.98
CA ARG A 58 -17.16 8.07 9.07
C ARG A 58 -15.83 8.79 9.20
N GLU A 59 -15.26 8.81 10.41
CA GLU A 59 -13.94 9.40 10.61
C GLU A 59 -12.90 8.72 9.73
N ASP A 60 -12.94 7.40 9.69
CA ASP A 60 -11.97 6.65 8.88
C ASP A 60 -12.21 6.83 7.38
N ILE A 61 -13.47 6.90 6.97
CA ILE A 61 -13.77 7.17 5.56
C ILE A 61 -13.29 8.54 5.17
N GLU A 62 -13.58 9.53 6.01
CA GLU A 62 -13.20 10.90 5.69
C GLU A 62 -11.69 11.06 5.64
N ARG A 63 -10.98 10.32 6.49
CA ARG A 63 -9.52 10.39 6.48
C ARG A 63 -8.97 9.89 5.15
N GLU A 64 -9.48 8.74 4.69
CA GLU A 64 -9.06 8.18 3.41
C GLU A 64 -9.34 9.14 2.26
N VAL A 65 -10.55 9.71 2.24
CA VAL A 65 -10.94 10.64 1.18
C VAL A 65 -10.08 11.90 1.20
N SER A 66 -9.87 12.46 2.39
CA SER A 66 -9.05 13.67 2.53
C SER A 66 -7.63 13.47 2.03
N ILE A 67 -7.05 12.31 2.32
CA ILE A 67 -5.70 12.00 1.86
C ILE A 67 -5.71 11.80 0.35
N LEU A 68 -6.67 11.02 -0.17
CA LEU A 68 -6.73 10.79 -1.61
C LEU A 68 -6.91 12.08 -2.43
N LYS A 69 -7.68 13.02 -1.91
CA LYS A 69 -7.89 14.27 -2.63
C LYS A 69 -6.60 15.06 -2.83
N GLU A 70 -5.60 14.80 -1.99
CA GLU A 70 -4.34 15.54 -2.05
C GLU A 70 -3.43 15.03 -3.16
N ILE A 71 -3.65 13.80 -3.60
CA ILE A 71 -2.67 13.09 -4.42
C ILE A 71 -2.76 13.29 -5.92
N GLN A 72 -1.65 13.70 -6.52
CA GLN A 72 -1.52 13.63 -7.98
C GLN A 72 -0.08 13.29 -8.33
N HIS A 73 0.13 12.01 -8.67
CA HIS A 73 1.46 11.50 -8.97
C HIS A 73 1.30 10.23 -9.80
N PRO A 74 2.22 9.99 -10.75
CA PRO A 74 2.05 8.86 -11.68
C PRO A 74 2.09 7.50 -11.00
N ASN A 75 2.68 7.41 -9.81
CA ASN A 75 2.80 6.12 -9.12
C ASN A 75 1.87 5.95 -7.92
N VAL A 76 0.86 6.80 -7.82
CA VAL A 76 -0.11 6.66 -6.72
C VAL A 76 -1.52 6.82 -7.27
N ILE A 77 -2.46 6.01 -6.76
CA ILE A 77 -3.84 6.09 -7.21
C ILE A 77 -4.43 7.48 -6.94
N THR A 78 -5.34 7.93 -7.81
CA THR A 78 -5.94 9.23 -7.62
C THR A 78 -7.45 9.11 -7.52
N LEU A 79 -8.08 10.15 -6.98
CA LEU A 79 -9.53 10.15 -6.73
C LEU A 79 -10.22 11.09 -7.72
N HIS A 80 -11.33 10.62 -8.28
CA HIS A 80 -12.08 11.39 -9.27
C HIS A 80 -13.30 12.08 -8.64
N GLU A 81 -14.15 11.31 -7.94
CA GLU A 81 -15.37 11.86 -7.34
C GLU A 81 -15.71 11.04 -6.11
N VAL A 82 -16.56 11.58 -5.24
CA VAL A 82 -17.12 10.81 -4.12
C VAL A 82 -18.64 10.98 -4.04
N TYR A 83 -19.35 9.87 -3.97
CA TYR A 83 -20.80 9.87 -3.76
C TYR A 83 -21.13 9.20 -2.44
N GLU A 84 -22.35 9.37 -1.94
CA GLU A 84 -22.76 8.60 -0.78
C GLU A 84 -24.26 8.41 -0.74
N ASN A 85 -24.68 7.38 -0.02
CA ASN A 85 -26.09 7.22 0.31
C ASN A 85 -26.12 6.67 1.73
N LYS A 86 -27.29 6.21 2.18
CA LYS A 86 -27.39 5.82 3.58
C LYS A 86 -26.48 4.64 3.95
N THR A 87 -26.19 3.79 2.98
CA THR A 87 -25.48 2.56 3.27
C THR A 87 -24.00 2.59 2.92
N ASP A 88 -23.66 3.30 1.85
CA ASP A 88 -22.28 3.30 1.33
C ASP A 88 -21.73 4.69 1.11
N VAL A 89 -20.40 4.82 1.19
CA VAL A 89 -19.70 5.91 0.52
C VAL A 89 -19.07 5.29 -0.72
N ILE A 90 -19.21 5.95 -1.86
CA ILE A 90 -18.69 5.40 -3.12
C ILE A 90 -17.60 6.32 -3.66
N LEU A 91 -16.35 5.83 -3.64
CA LEU A 91 -15.23 6.57 -4.18
C LEU A 91 -15.08 6.22 -5.64
N ILE A 92 -15.07 7.24 -6.52
CA ILE A 92 -14.78 6.97 -7.91
C ILE A 92 -13.28 7.20 -8.10
N LEU A 93 -12.54 6.09 -8.21
CA LEU A 93 -11.07 6.13 -8.24
C LEU A 93 -10.50 5.90 -9.63
N GLU A 94 -9.24 6.26 -9.80
CA GLU A 94 -8.53 6.00 -11.04
C GLU A 94 -8.54 4.49 -11.30
N LEU A 95 -8.77 4.09 -12.55
CA LEU A 95 -8.82 2.67 -12.88
C LEU A 95 -7.40 2.12 -13.01
N VAL A 96 -7.12 1.07 -12.26
CA VAL A 96 -5.93 0.26 -12.50
C VAL A 96 -6.39 -1.17 -12.75
N ALA A 97 -6.05 -1.69 -13.94
CA ALA A 97 -6.66 -2.91 -14.44
C ALA A 97 -5.66 -4.05 -14.65
N GLY A 98 -4.39 -3.82 -14.32
CA GLY A 98 -3.34 -4.79 -14.60
C GLY A 98 -3.11 -5.83 -13.53
N GLY A 99 -3.91 -5.78 -12.47
CA GLY A 99 -3.81 -6.73 -11.37
C GLY A 99 -2.71 -6.38 -10.39
N GLU A 100 -2.59 -7.18 -9.34
CA GLU A 100 -1.63 -6.93 -8.27
C GLU A 100 -0.22 -7.31 -8.65
N LEU A 101 0.75 -6.57 -8.11
CA LEU A 101 2.13 -6.99 -8.14
C LEU A 101 2.19 -8.40 -7.56
N PHE A 102 1.49 -8.63 -6.45
CA PHE A 102 1.44 -9.93 -5.80
C PHE A 102 1.12 -11.09 -6.75
N ASP A 103 0.12 -10.91 -7.59
CA ASP A 103 -0.30 -11.95 -8.54
C ASP A 103 0.67 -12.02 -9.71
N PHE A 104 1.35 -10.91 -9.99
CA PHE A 104 2.40 -10.89 -11.00
C PHE A 104 3.59 -11.70 -10.49
N LEU A 105 3.83 -11.63 -9.19
CA LEU A 105 4.98 -12.32 -8.56
C LEU A 105 4.78 -13.83 -8.52
N ALA A 106 3.54 -14.26 -8.34
CA ALA A 106 3.20 -15.68 -8.31
C ALA A 106 3.49 -16.35 -9.65
N GLU A 107 3.34 -15.59 -10.73
CA GLU A 107 3.74 -16.07 -12.05
C GLU A 107 5.25 -16.28 -12.09
N SER A 110 10.08 -15.23 -8.58
CA SER A 110 11.32 -14.52 -8.24
C SER A 110 11.79 -13.63 -9.39
N LEU A 111 12.16 -12.39 -9.08
CA LEU A 111 12.58 -11.46 -10.12
C LEU A 111 14.09 -11.29 -10.14
N THR A 112 14.65 -10.95 -11.30
CA THR A 112 16.04 -10.53 -11.38
C THR A 112 16.16 -9.21 -10.63
N GLU A 113 17.38 -8.80 -10.28
CA GLU A 113 17.56 -7.52 -9.61
C GLU A 113 17.11 -6.34 -10.47
N GLU A 114 17.36 -6.42 -11.76
CA GLU A 114 16.93 -5.37 -12.68
C GLU A 114 15.42 -5.25 -12.71
N GLU A 115 14.74 -6.39 -12.78
CA GLU A 115 13.27 -6.41 -12.79
C GLU A 115 12.74 -5.89 -11.46
N ALA A 116 13.31 -6.38 -10.37
CA ALA A 116 12.93 -5.93 -9.03
C ALA A 116 13.12 -4.42 -8.88
N THR A 117 14.28 -3.89 -9.28
CA THR A 117 14.53 -2.45 -9.13
C THR A 117 13.65 -1.62 -10.05
N GLU A 118 13.24 -2.18 -11.18
CA GLU A 118 12.32 -1.54 -12.10
C GLU A 118 11.03 -1.21 -11.38
N PHE A 119 10.52 -2.19 -10.65
CA PHE A 119 9.31 -1.99 -9.86
C PHE A 119 9.62 -1.15 -8.65
N LEU A 120 10.70 -1.51 -7.95
CA LEU A 120 11.06 -0.81 -6.71
C LEU A 120 11.22 0.68 -6.91
N LYS A 121 11.85 1.09 -8.00
CA LYS A 121 12.07 2.52 -8.24
C LYS A 121 10.75 3.27 -8.34
N GLN A 122 9.76 2.67 -8.97
CA GLN A 122 8.44 3.31 -9.05
C GLN A 122 7.78 3.38 -7.69
N ILE A 123 7.87 2.29 -6.92
CA ILE A 123 7.34 2.29 -5.57
C ILE A 123 7.99 3.39 -4.73
N LEU A 124 9.32 3.46 -4.78
CA LEU A 124 10.05 4.49 -4.03
C LEU A 124 9.67 5.90 -4.44
N ASN A 125 9.51 6.13 -5.76
CA ASN A 125 9.09 7.44 -6.25
C ASN A 125 7.71 7.81 -5.72
N GLY A 126 6.80 6.83 -5.71
CA GLY A 126 5.48 7.05 -5.14
C GLY A 126 5.52 7.36 -3.66
N VAL A 127 6.33 6.60 -2.93
CA VAL A 127 6.46 6.81 -1.48
C VAL A 127 7.17 8.13 -1.18
N TYR A 128 8.17 8.48 -1.99
CA TYR A 128 8.85 9.76 -1.81
C TYR A 128 7.85 10.91 -1.90
N TYR A 129 6.94 10.82 -2.88
CA TYR A 129 5.89 11.80 -3.04
C TYR A 129 5.02 11.85 -1.79
N LEU A 130 4.56 10.70 -1.32
CA LEU A 130 3.71 10.65 -0.12
C LEU A 130 4.42 11.19 1.12
N HIS A 131 5.63 10.70 1.37
CA HIS A 131 6.37 11.13 2.55
C HIS A 131 6.72 12.61 2.48
N SER A 132 6.93 13.14 1.26
CA SER A 132 7.16 14.58 1.10
C SER A 132 5.94 15.38 1.56
N LEU A 133 4.76 14.78 1.47
CA LEU A 133 3.53 15.40 1.94
C LEU A 133 3.19 14.98 3.37
N GLN A 134 4.15 14.36 4.06
CA GLN A 134 3.95 13.80 5.40
C GLN A 134 2.79 12.81 5.48
N ILE A 135 2.58 12.06 4.40
CA ILE A 135 1.57 11.00 4.42
C ILE A 135 2.24 9.65 4.62
N ALA A 136 1.91 8.97 5.71
CA ALA A 136 2.31 7.57 5.90
C ALA A 136 1.23 6.67 5.33
N HIS A 137 1.63 5.68 4.55
CA HIS A 137 0.66 4.78 3.92
C HIS A 137 0.16 3.73 4.91
N PHE A 138 1.11 3.12 5.63
CA PHE A 138 0.84 2.15 6.71
C PHE A 138 0.31 0.78 6.26
N ASP A 139 0.18 0.55 4.96
CA ASP A 139 -0.33 -0.73 4.47
C ASP A 139 0.34 -1.14 3.17
N LEU A 140 1.62 -0.83 3.04
CA LEU A 140 2.38 -1.19 1.84
C LEU A 140 2.69 -2.69 1.84
N LYS A 141 2.27 -3.36 0.77
CA LYS A 141 2.49 -4.80 0.59
C LYS A 141 2.21 -5.08 -0.89
N PRO A 142 2.61 -6.26 -1.39
CA PRO A 142 2.45 -6.54 -2.82
C PRO A 142 1.00 -6.44 -3.30
N GLU A 143 0.05 -6.78 -2.44
CA GLU A 143 -1.38 -6.68 -2.78
C GLU A 143 -1.84 -5.25 -3.03
N ASN A 144 -1.12 -4.27 -2.46
CA ASN A 144 -1.45 -2.87 -2.65
C ASN A 144 -0.55 -2.13 -3.64
N ILE A 145 0.14 -2.91 -4.48
CA ILE A 145 0.88 -2.37 -5.62
C ILE A 145 0.20 -2.93 -6.87
N MET A 146 -0.45 -2.06 -7.63
CA MET A 146 -1.20 -2.51 -8.81
C MET A 146 -0.55 -2.10 -10.12
N LEU A 147 -0.67 -2.96 -11.13
CA LEU A 147 -0.09 -2.64 -12.44
C LEU A 147 -1.12 -2.00 -13.36
N LEU A 148 -0.65 -1.14 -14.27
CA LEU A 148 -1.50 -0.56 -15.30
C LEU A 148 -1.69 -1.55 -16.45
N ASP A 149 -0.59 -2.11 -16.92
CA ASP A 149 -0.62 -3.14 -17.95
C ASP A 149 0.40 -4.21 -17.58
N ARG A 150 -0.08 -5.43 -17.46
CA ARG A 150 0.73 -6.54 -16.98
C ARG A 150 1.45 -7.23 -18.14
N ASN A 151 1.09 -6.85 -19.37
CA ASN A 151 1.67 -7.48 -20.56
C ASN A 151 2.79 -6.66 -21.22
N VAL A 152 3.63 -6.04 -20.41
CA VAL A 152 4.77 -5.29 -20.92
C VAL A 152 6.03 -5.71 -20.18
N PRO A 153 7.22 -5.49 -20.81
CA PRO A 153 8.50 -5.80 -20.16
C PRO A 153 8.61 -5.19 -18.77
N LYS A 154 8.49 -3.87 -18.70
CA LYS A 154 8.54 -3.14 -17.43
C LYS A 154 7.21 -2.45 -17.18
N PRO A 155 6.31 -3.11 -16.44
CA PRO A 155 4.98 -2.55 -16.18
C PRO A 155 5.01 -1.33 -15.27
N ARG A 156 4.02 -0.46 -15.44
CA ARG A 156 3.86 0.73 -14.62
C ARG A 156 2.96 0.46 -13.41
N ILE A 157 3.38 0.91 -12.23
CA ILE A 157 2.62 0.59 -11.03
C ILE A 157 1.99 1.80 -10.36
N LYS A 158 0.93 1.54 -9.61
CA LYS A 158 0.35 2.57 -8.78
C LYS A 158 0.09 2.01 -7.40
N ILE A 159 0.46 2.78 -6.39
CA ILE A 159 0.20 2.38 -5.04
C ILE A 159 -1.27 2.63 -4.74
N ILE A 160 -1.95 1.61 -4.25
CA ILE A 160 -3.37 1.74 -3.89
C ILE A 160 -3.63 1.57 -2.39
N ASP A 161 -4.92 1.67 -2.02
CA ASP A 161 -5.44 1.36 -0.69
C ASP A 161 -4.94 2.27 0.43
N PHE A 162 -5.60 3.41 0.56
CA PHE A 162 -5.23 4.39 1.57
C PHE A 162 -6.09 4.29 2.83
N GLY A 163 -6.63 3.10 3.07
CA GLY A 163 -7.51 2.86 4.20
C GLY A 163 -6.84 2.94 5.56
N LEU A 164 -5.52 2.85 5.61
CA LEU A 164 -4.79 2.99 6.86
C LEU A 164 -3.93 4.24 6.86
N ALA A 165 -3.91 4.96 5.74
CA ALA A 165 -3.02 6.11 5.61
C ALA A 165 -3.34 7.23 6.61
N HIS A 166 -2.29 7.87 7.13
CA HIS A 166 -2.45 9.00 8.03
C HIS A 166 -1.50 10.13 7.69
N LYS A 167 -1.96 11.36 7.88
CA LYS A 167 -1.07 12.51 7.88
C LYS A 167 -0.24 12.47 9.16
N ILE A 168 1.05 12.73 9.04
CA ILE A 168 1.93 12.75 10.20
C ILE A 168 2.39 14.19 10.43
N ASP A 169 1.58 14.97 11.13
CA ASP A 169 1.86 16.41 11.30
C ASP A 169 2.96 16.72 12.32
N PHE A 170 3.26 15.75 13.19
CA PHE A 170 4.28 15.90 14.24
C PHE A 170 5.42 14.89 14.16
N GLY A 171 5.64 14.29 13.00
CA GLY A 171 6.70 13.29 12.90
C GLY A 171 6.30 11.94 13.47
N ASN A 172 5.25 11.90 14.28
CA ASN A 172 4.68 10.61 14.70
C ASN A 172 3.19 10.67 15.05
N GLU A 173 2.49 9.55 14.86
CA GLU A 173 1.10 9.39 15.30
C GLU A 173 0.98 8.20 16.26
N PHE A 174 0.13 8.32 17.28
CA PHE A 174 0.01 7.27 18.30
C PHE A 174 -1.43 6.75 18.29
N LYS A 175 -1.72 5.68 17.56
CA LYS A 175 -3.12 5.38 17.23
C LYS A 175 -3.59 3.92 17.19
N ASN A 176 -2.67 2.96 17.22
CA ASN A 176 -2.97 1.56 16.83
C ASN A 176 -3.44 1.53 15.38
N ILE A 177 -2.51 1.24 14.48
CA ILE A 177 -2.75 1.33 13.05
C ILE A 177 -2.19 0.06 12.47
N PHE A 178 -2.97 -1.01 12.56
CA PHE A 178 -2.47 -2.37 12.42
C PHE A 178 -2.90 -3.05 11.12
N GLY A 179 -1.93 -3.34 10.27
CA GLY A 179 -2.22 -3.99 9.01
C GLY A 179 -1.87 -5.47 9.04
N THR A 180 -1.18 -5.91 7.99
CA THR A 180 -0.88 -7.31 7.80
C THR A 180 0.43 -7.69 8.48
N PRO A 181 0.39 -8.65 9.42
CA PRO A 181 1.56 -9.01 10.23
C PRO A 181 2.84 -9.18 9.43
N GLU A 182 2.76 -9.84 8.26
CA GLU A 182 3.96 -10.07 7.46
C GLU A 182 4.68 -8.79 7.07
N PHE A 183 3.96 -7.68 7.03
CA PHE A 183 4.49 -6.44 6.44
C PHE A 183 4.62 -5.26 7.40
N VAL A 184 4.09 -5.40 8.61
CA VAL A 184 4.14 -4.31 9.57
C VAL A 184 5.48 -4.22 10.29
N ALA A 185 5.89 -2.99 10.60
CA ALA A 185 7.15 -2.72 11.27
C ALA A 185 7.06 -3.05 12.74
N PRO A 186 8.20 -3.28 13.40
CA PRO A 186 8.16 -3.58 14.84
C PRO A 186 7.40 -2.55 15.70
N GLU A 187 7.49 -1.26 15.37
CA GLU A 187 6.75 -0.26 16.15
C GLU A 187 5.22 -0.45 16.07
N ILE A 188 4.73 -0.98 14.94
CA ILE A 188 3.31 -1.30 14.83
C ILE A 188 2.97 -2.51 15.71
N VAL A 189 3.79 -3.55 15.63
CA VAL A 189 3.61 -4.75 16.43
C VAL A 189 3.59 -4.42 17.92
N ASN A 190 4.46 -3.50 18.32
CA ASN A 190 4.59 -3.09 19.72
C ASN A 190 3.68 -1.94 20.17
N TYR A 191 2.82 -1.45 19.27
CA TYR A 191 1.87 -0.37 19.58
C TYR A 191 2.58 0.90 20.02
N GLU A 192 3.68 1.22 19.34
CA GLU A 192 4.46 2.41 19.65
C GLU A 192 4.06 3.57 18.74
N PRO A 193 4.58 4.77 19.03
CA PRO A 193 4.32 5.89 18.12
C PRO A 193 4.83 5.55 16.73
N LEU A 194 4.09 6.00 15.72
CA LEU A 194 4.34 5.57 14.34
C LEU A 194 4.60 6.77 13.45
N GLY A 195 5.47 6.61 12.48
CA GLY A 195 5.70 7.69 11.52
C GLY A 195 5.98 7.15 10.14
N LEU A 196 6.58 7.98 9.29
CA LEU A 196 6.93 7.59 7.93
C LEU A 196 7.87 6.39 7.89
N GLU A 197 8.60 6.15 8.98
CA GLU A 197 9.59 5.08 9.01
C GLU A 197 8.97 3.70 8.85
N ALA A 198 7.73 3.53 9.31
CA ALA A 198 7.05 2.25 9.21
C ALA A 198 6.93 1.80 7.75
N ASP A 199 6.65 2.73 6.85
CA ASP A 199 6.59 2.40 5.42
C ASP A 199 7.94 1.90 4.90
N MET A 200 9.04 2.45 5.41
CA MET A 200 10.34 2.04 4.92
C MET A 200 10.67 0.59 5.31
N TRP A 201 10.26 0.18 6.50
CA TRP A 201 10.34 -1.23 6.88
C TRP A 201 9.55 -2.07 5.87
N SER A 202 8.32 -1.66 5.58
CA SER A 202 7.49 -2.45 4.66
C SER A 202 8.16 -2.60 3.29
N ILE A 203 8.80 -1.53 2.83
CA ILE A 203 9.55 -1.58 1.58
C ILE A 203 10.65 -2.63 1.63
N GLY A 204 11.31 -2.74 2.78
CA GLY A 204 12.35 -3.76 2.97
C GLY A 204 11.79 -5.16 2.82
N VAL A 205 10.60 -5.39 3.39
CA VAL A 205 9.93 -6.70 3.30
C VAL A 205 9.56 -7.00 1.86
N ILE A 206 8.93 -6.03 1.20
CA ILE A 206 8.59 -6.14 -0.22
C ILE A 206 9.82 -6.49 -1.06
N THR A 207 10.93 -5.80 -0.83
CA THR A 207 12.15 -6.03 -1.60
C THR A 207 12.67 -7.45 -1.42
N TYR A 208 12.71 -7.91 -0.17
CA TYR A 208 13.11 -9.27 0.15
C TYR A 208 12.27 -10.28 -0.64
N ILE A 209 10.94 -10.09 -0.64
CA ILE A 209 10.03 -10.98 -1.38
C ILE A 209 10.25 -10.91 -2.90
N LEU A 210 10.42 -9.70 -3.43
CA LEU A 210 10.69 -9.52 -4.85
C LEU A 210 11.88 -10.34 -5.33
N LEU A 211 12.94 -10.39 -4.52
CA LEU A 211 14.20 -10.97 -4.91
C LEU A 211 14.28 -12.47 -4.69
N SER A 212 13.42 -12.99 -3.82
CA SER A 212 13.56 -14.37 -3.36
C SER A 212 12.31 -15.22 -3.52
N GLY A 213 11.15 -14.59 -3.51
CA GLY A 213 9.89 -15.32 -3.52
C GLY A 213 9.49 -15.81 -2.15
N ALA A 214 10.28 -15.45 -1.14
CA ALA A 214 10.07 -15.87 0.24
C ALA A 214 9.79 -14.66 1.12
N SER A 215 8.99 -14.86 2.16
CA SER A 215 8.64 -13.80 3.11
C SER A 215 9.58 -13.87 4.32
N PRO A 216 10.21 -12.74 4.70
CA PRO A 216 11.28 -12.80 5.70
C PRO A 216 10.87 -13.18 7.12
N PHE A 217 9.66 -12.82 7.52
CA PHE A 217 9.25 -12.99 8.92
C PHE A 217 8.09 -13.96 9.08
N LEU A 218 7.61 -14.52 7.97
CA LEU A 218 6.37 -15.30 8.01
C LEU A 218 6.48 -16.57 8.82
N GLY A 219 5.64 -16.66 9.85
CA GLY A 219 5.54 -17.85 10.68
C GLY A 219 4.30 -18.65 10.37
N ASP A 220 4.01 -19.65 11.19
CA ASP A 220 2.87 -20.53 10.95
C ASP A 220 1.56 -19.93 11.42
N THR A 221 1.63 -18.93 12.29
CA THR A 221 0.44 -18.29 12.80
C THR A 221 0.73 -16.80 12.81
N LYS A 222 -0.30 -15.98 12.97
CA LYS A 222 -0.10 -14.53 13.00
C LYS A 222 0.75 -14.11 14.18
N GLN A 223 0.56 -14.76 15.33
CA GLN A 223 1.32 -14.38 16.52
C GLN A 223 2.81 -14.69 16.35
N GLU A 224 3.11 -15.79 15.66
CA GLU A 224 4.50 -16.11 15.34
C GLU A 224 5.10 -15.06 14.42
N THR A 225 4.37 -14.67 13.39
CA THR A 225 4.88 -13.65 12.46
C THR A 225 5.17 -12.36 13.22
N LEU A 226 4.24 -11.95 14.07
CA LEU A 226 4.40 -10.71 14.81
C LEU A 226 5.57 -10.79 15.76
N ALA A 227 5.76 -11.95 16.39
CA ALA A 227 6.88 -12.13 17.30
C ALA A 227 8.19 -12.06 16.53
N ASN A 228 8.21 -12.64 15.32
CA ASN A 228 9.40 -12.60 14.48
C ASN A 228 9.75 -11.18 14.04
N VAL A 229 8.73 -10.42 13.68
CA VAL A 229 8.93 -9.03 13.29
C VAL A 229 9.55 -8.24 14.44
N SER A 230 8.99 -8.38 15.63
CA SER A 230 9.44 -7.59 16.77
C SER A 230 10.88 -7.91 17.14
N ALA A 231 11.27 -9.17 16.93
CA ALA A 231 12.61 -9.64 17.25
C ALA A 231 13.60 -9.46 16.09
N VAL A 232 13.12 -8.89 14.98
CA VAL A 232 13.87 -8.84 13.71
C VAL A 232 14.47 -10.21 13.38
N ASN A 233 13.60 -11.21 13.42
CA ASN A 233 13.97 -12.60 13.19
C ASN A 233 13.87 -12.93 11.71
N TYR A 234 14.89 -12.54 10.94
CA TYR A 234 14.97 -12.92 9.53
C TYR A 234 16.42 -13.14 9.13
N GLU A 235 16.62 -13.88 8.06
CA GLU A 235 17.96 -14.05 7.50
C GLU A 235 17.85 -14.25 5.99
N PHE A 236 18.95 -14.01 5.29
CA PHE A 236 18.99 -14.25 3.84
C PHE A 236 19.38 -15.69 3.56
N GLU A 237 18.40 -16.55 3.29
CA GLU A 237 18.70 -17.96 3.01
C GLU A 237 19.53 -18.10 1.74
N ASP A 238 20.65 -18.80 1.85
CA ASP A 238 21.52 -19.02 0.70
C ASP A 238 20.79 -19.66 -0.48
N GLU A 239 19.87 -20.58 -0.21
CA GLU A 239 19.15 -21.25 -1.29
C GLU A 239 18.39 -20.24 -2.15
N TYR A 240 17.95 -19.15 -1.53
CA TYR A 240 17.19 -18.13 -2.23
C TYR A 240 18.05 -16.96 -2.70
N PHE A 241 19.14 -16.68 -1.99
CA PHE A 241 19.88 -15.44 -2.25
C PHE A 241 21.30 -15.67 -2.78
N SER A 242 21.67 -16.91 -3.08
CA SER A 242 23.06 -17.23 -3.48
C SER A 242 23.56 -16.40 -4.67
N ASN A 243 22.67 -16.08 -5.59
CA ASN A 243 23.06 -15.31 -6.77
C ASN A 243 22.59 -13.87 -6.72
N THR A 244 22.14 -13.42 -5.54
CA THR A 244 21.74 -12.03 -5.34
C THR A 244 22.94 -11.22 -4.87
N SER A 245 23.09 -10.01 -5.39
CA SER A 245 24.27 -9.20 -5.08
C SER A 245 24.28 -8.81 -3.61
N ALA A 246 25.47 -8.60 -3.06
CA ALA A 246 25.59 -8.21 -1.67
C ALA A 246 25.01 -6.82 -1.45
N LEU A 247 25.05 -5.99 -2.49
CA LEU A 247 24.48 -4.63 -2.42
C LEU A 247 22.96 -4.65 -2.27
N ALA A 248 22.30 -5.56 -2.98
CA ALA A 248 20.86 -5.75 -2.80
C ALA A 248 20.55 -6.17 -1.36
N LYS A 249 21.35 -7.09 -0.81
CA LYS A 249 21.15 -7.49 0.58
C LYS A 249 21.40 -6.33 1.53
N ASP A 250 22.37 -5.49 1.21
CA ASP A 250 22.69 -4.33 2.03
C ASP A 250 21.49 -3.37 2.10
N PHE A 251 20.85 -3.16 0.95
CA PHE A 251 19.67 -2.31 0.85
C PHE A 251 18.56 -2.81 1.79
N ILE A 252 18.26 -4.10 1.71
CA ILE A 252 17.28 -4.71 2.59
C ILE A 252 17.69 -4.60 4.05
N ARG A 253 18.96 -4.88 4.34
CA ARG A 253 19.45 -4.89 5.71
C ARG A 253 19.29 -3.53 6.38
N ARG A 254 19.40 -2.45 5.60
CA ARG A 254 19.32 -1.10 6.15
C ARG A 254 17.90 -0.62 6.32
N LEU A 255 16.94 -1.40 5.82
CA LEU A 255 15.52 -1.09 5.99
C LEU A 255 14.91 -1.94 7.11
N LEU A 256 15.34 -3.19 7.23
CA LEU A 256 14.80 -4.08 8.25
C LEU A 256 15.54 -3.90 9.58
N VAL A 257 15.39 -2.70 10.12
CA VAL A 257 16.12 -2.24 11.30
C VAL A 257 15.09 -1.87 12.36
N LYS A 258 15.23 -2.41 13.57
CA LYS A 258 14.19 -2.22 14.58
C LYS A 258 13.96 -0.75 15.00
N ASP A 259 15.04 -0.06 15.33
CA ASP A 259 14.97 1.35 15.73
C ASP A 259 14.63 2.19 14.50
N PRO A 260 13.44 2.80 14.49
CA PRO A 260 13.06 3.54 13.28
C PRO A 260 13.98 4.71 12.96
N LYS A 261 14.64 5.24 13.98
CA LYS A 261 15.59 6.34 13.76
C LYS A 261 16.83 5.93 12.98
N LYS A 262 17.18 4.64 13.05
CA LYS A 262 18.38 4.14 12.39
C LYS A 262 18.07 3.58 11.01
N ARG A 263 16.78 3.45 10.72
CA ARG A 263 16.31 2.87 9.46
C ARG A 263 16.53 3.87 8.32
N MET A 264 16.80 3.38 7.12
CA MET A 264 16.91 4.30 5.99
C MET A 264 15.58 5.00 5.78
N THR A 265 15.65 6.31 5.50
CA THR A 265 14.49 7.08 5.08
C THR A 265 14.26 6.89 3.59
N ILE A 266 13.15 7.43 3.08
CA ILE A 266 12.87 7.33 1.66
C ILE A 266 13.96 8.03 0.84
N GLN A 267 14.46 9.17 1.33
CA GLN A 267 15.57 9.85 0.65
C GLN A 267 16.84 8.99 0.64
N ASP A 268 17.14 8.38 1.79
CA ASP A 268 18.28 7.45 1.88
C ASP A 268 18.16 6.32 0.86
N SER A 269 16.96 5.76 0.75
CA SER A 269 16.74 4.61 -0.13
C SER A 269 16.97 4.97 -1.59
N LEU A 270 16.62 6.19 -1.97
CA LEU A 270 16.83 6.65 -3.35
C LEU A 270 18.30 6.95 -3.66
N GLN A 271 19.10 7.21 -2.63
CA GLN A 271 20.53 7.48 -2.81
C GLN A 271 21.41 6.25 -2.58
N HIS A 272 20.80 5.16 -2.13
CA HIS A 272 21.55 3.92 -1.85
C HIS A 272 22.16 3.43 -3.15
N PRO A 273 23.42 2.95 -3.09
CA PRO A 273 24.13 2.52 -4.29
C PRO A 273 23.43 1.47 -5.15
N TRP A 274 22.54 0.66 -4.58
CA TRP A 274 21.82 -0.34 -5.37
C TRP A 274 20.78 0.32 -6.27
N ILE A 275 20.24 1.43 -5.79
CA ILE A 275 19.16 2.12 -6.49
C ILE A 275 19.69 3.28 -7.34
N LYS A 276 20.62 4.04 -6.78
CA LYS A 276 21.11 5.24 -7.46
C LYS A 276 21.87 4.91 -8.74
N PRO A 277 21.57 5.65 -9.82
CA PRO A 277 22.24 5.55 -11.12
C PRO A 277 23.74 5.85 -11.07
#